data_7ON5
#
_entry.id   7ON5
#
_cell.length_a   44.611
_cell.length_b   44.611
_cell.length_c   144.155
_cell.angle_alpha   90.000
_cell.angle_beta   90.000
_cell.angle_gamma   90.000
#
_symmetry.space_group_name_H-M   'P 41 21 2'
#
loop_
_entity.id
_entity.type
_entity.pdbx_description
1 polymer 'Nanobody Re5D06'
2 non-polymer 1,2-ETHANEDIOL
3 non-polymer ETHANOL
4 water water
#
_entity_poly.entity_id   1
_entity_poly.type   'polypeptide(L)'
_entity_poly.pdbx_seq_one_letter_code
;EGSQVQLVESGGGLVQPGGSLRLSCAASGITLDYYAIGWFRQAPGKEREGVSRIRSSDGSTNYADSVKGRFTMSRDNAKN
TVYLQMNSLKPEDTAVYYCAYGPLTKYGSSWYWPYEYDYWGQGTQVTVSS
;
_entity_poly.pdbx_strand_id   A
#
# COMPACT_ATOMS: atom_id res chain seq x y z
N GLN A 4 -0.15 17.80 -7.85
CA GLN A 4 -0.93 17.24 -8.96
C GLN A 4 -1.19 15.75 -8.74
N VAL A 5 -0.37 15.11 -7.90
CA VAL A 5 -0.57 13.70 -7.61
C VAL A 5 -1.82 13.50 -6.78
N GLN A 6 -2.65 12.54 -7.16
CA GLN A 6 -3.81 12.16 -6.37
C GLN A 6 -3.88 10.65 -6.31
N LEU A 7 -4.27 10.13 -5.15
CA LEU A 7 -4.35 8.70 -4.94
C LEU A 7 -5.73 8.38 -4.41
N VAL A 8 -6.33 7.28 -4.90
CA VAL A 8 -7.65 6.86 -4.46
CA VAL A 8 -7.64 6.86 -4.45
C VAL A 8 -7.60 5.37 -4.14
N GLU A 9 -7.87 5.02 -2.88
CA GLU A 9 -7.94 3.62 -2.47
C GLU A 9 -9.35 3.10 -2.68
N SER A 10 -9.45 1.84 -3.07
CA SER A 10 -10.77 1.21 -3.10
C SER A 10 -10.60 -0.25 -2.75
N GLY A 11 -11.73 -0.92 -2.53
CA GLY A 11 -11.76 -2.34 -2.28
C GLY A 11 -12.01 -2.73 -0.83
N GLY A 12 -12.08 -1.76 0.09
CA GLY A 12 -12.36 -2.10 1.47
C GLY A 12 -13.71 -2.77 1.62
N GLY A 13 -13.85 -3.52 2.70
CA GLY A 13 -15.12 -4.13 3.01
C GLY A 13 -14.98 -4.95 4.26
N LEU A 14 -16.03 -5.70 4.55
CA LEU A 14 -16.12 -6.57 5.70
C LEU A 14 -15.84 -8.00 5.27
N VAL A 15 -14.92 -8.65 5.97
CA VAL A 15 -14.48 -10.01 5.65
CA VAL A 15 -14.59 -10.03 5.65
C VAL A 15 -14.42 -10.81 6.95
N GLN A 16 -14.70 -12.12 6.89
CA GLN A 16 -14.61 -12.96 8.07
C GLN A 16 -13.16 -13.33 8.36
N PRO A 17 -12.86 -13.73 9.60
CA PRO A 17 -11.50 -14.18 9.93
C PRO A 17 -11.06 -15.30 9.01
N GLY A 18 -9.80 -15.21 8.58
CA GLY A 18 -9.22 -16.16 7.65
C GLY A 18 -9.46 -15.83 6.19
N GLY A 19 -10.25 -14.82 5.89
CA GLY A 19 -10.62 -14.50 4.52
C GLY A 19 -9.56 -13.72 3.76
N SER A 20 -9.96 -13.30 2.58
CA SER A 20 -9.10 -12.60 1.63
CA SER A 20 -9.07 -12.56 1.68
C SER A 20 -9.78 -11.34 1.11
N LEU A 21 -8.99 -10.37 0.69
CA LEU A 21 -9.53 -9.14 0.12
C LEU A 21 -8.41 -8.50 -0.68
N ARG A 22 -8.77 -7.83 -1.77
CA ARG A 22 -7.81 -7.13 -2.62
CA ARG A 22 -7.79 -7.12 -2.59
C ARG A 22 -8.12 -5.64 -2.61
N LEU A 23 -7.16 -4.81 -2.20
CA LEU A 23 -7.30 -3.35 -2.30
C LEU A 23 -6.60 -2.83 -3.54
N SER A 24 -7.05 -1.67 -4.01
CA SER A 24 -6.39 -1.02 -5.12
CA SER A 24 -6.49 -0.99 -5.17
C SER A 24 -6.11 0.42 -4.76
N CYS A 25 -5.01 0.92 -5.31
CA CYS A 25 -4.61 2.32 -5.15
C CYS A 25 -4.40 2.83 -6.57
N ALA A 26 -5.29 3.72 -7.03
CA ALA A 26 -5.20 4.32 -8.35
C ALA A 26 -4.58 5.70 -8.24
N ALA A 27 -3.52 5.92 -8.99
CA ALA A 27 -2.78 7.18 -8.94
C ALA A 27 -3.02 7.97 -10.22
N SER A 28 -3.11 9.28 -10.06
CA SER A 28 -3.11 10.18 -11.21
CA SER A 28 -3.13 10.20 -11.20
C SER A 28 -2.12 11.30 -10.96
N GLY A 29 -1.61 11.88 -12.03
CA GLY A 29 -0.77 13.06 -11.96
C GLY A 29 0.70 12.78 -11.71
N ILE A 30 1.14 11.53 -11.64
CA ILE A 30 2.56 11.28 -11.41
C ILE A 30 3.35 11.53 -12.69
N THR A 31 4.42 12.30 -12.58
CA THR A 31 5.30 12.56 -13.71
C THR A 31 6.73 12.09 -13.48
N LEU A 32 7.13 11.83 -12.25
CA LEU A 32 8.48 11.37 -11.96
C LEU A 32 8.66 9.93 -12.40
N ASP A 33 9.90 9.58 -12.72
CA ASP A 33 10.19 8.19 -13.05
C ASP A 33 10.48 7.32 -11.83
N TYR A 34 11.08 7.86 -10.77
CA TYR A 34 11.49 7.05 -9.63
CA TYR A 34 11.58 7.11 -9.60
C TYR A 34 10.75 7.52 -8.39
N TYR A 35 9.80 6.68 -7.95
CA TYR A 35 8.98 7.03 -6.81
C TYR A 35 8.59 5.74 -6.10
N ALA A 36 8.14 5.92 -4.87
CA ALA A 36 7.62 4.86 -4.04
C ALA A 36 6.12 5.04 -3.85
N ILE A 37 5.40 3.92 -3.84
CA ILE A 37 4.02 3.87 -3.36
C ILE A 37 4.04 3.01 -2.11
N GLY A 38 3.48 3.52 -1.02
CA GLY A 38 3.40 2.78 0.23
C GLY A 38 1.95 2.52 0.59
N TRP A 39 1.70 1.37 1.17
CA TRP A 39 0.46 1.10 1.87
C TRP A 39 0.72 1.25 3.36
N PHE A 40 -0.24 1.86 4.05
CA PHE A 40 -0.22 2.11 5.48
C PHE A 40 -1.58 1.73 6.04
N ARG A 41 -1.65 1.57 7.35
CA ARG A 41 -2.96 1.28 7.93
C ARG A 41 -3.01 1.84 9.35
N GLN A 42 -4.22 2.20 9.78
CA GLN A 42 -4.46 2.65 11.16
C GLN A 42 -5.62 1.88 11.75
N ALA A 43 -5.32 1.04 12.72
CA ALA A 43 -6.30 0.21 13.41
C ALA A 43 -6.96 0.99 14.55
N PRO A 44 -8.16 0.56 14.99
CA PRO A 44 -8.78 1.20 16.16
C PRO A 44 -7.84 1.17 17.37
N GLY A 45 -7.65 2.32 18.00
CA GLY A 45 -6.83 2.41 19.18
C GLY A 45 -5.33 2.47 18.95
N LYS A 46 -4.87 2.49 17.70
CA LYS A 46 -3.46 2.39 17.41
C LYS A 46 -3.04 3.52 16.47
N GLU A 47 -1.74 3.74 16.40
CA GLU A 47 -1.17 4.69 15.44
C GLU A 47 -1.06 4.08 14.04
N ARG A 48 -1.07 4.95 13.04
CA ARG A 48 -0.83 4.52 11.67
CA ARG A 48 -0.83 4.52 11.67
C ARG A 48 0.54 3.87 11.55
N GLU A 49 0.61 2.79 10.80
CA GLU A 49 1.85 2.05 10.58
CA GLU A 49 1.86 2.05 10.59
C GLU A 49 2.01 1.69 9.12
N GLY A 50 3.27 1.53 8.70
CA GLY A 50 3.54 1.03 7.37
C GLY A 50 3.13 -0.44 7.21
N VAL A 51 2.66 -0.77 6.02
CA VAL A 51 2.28 -2.13 5.66
C VAL A 51 3.22 -2.68 4.59
N SER A 52 3.42 -1.94 3.51
CA SER A 52 4.25 -2.40 2.40
C SER A 52 4.65 -1.19 1.56
N ARG A 53 5.63 -1.41 0.67
CA ARG A 53 6.00 -0.34 -0.27
C ARG A 53 6.56 -1.00 -1.52
N ILE A 54 6.46 -0.28 -2.64
CA ILE A 54 6.97 -0.74 -3.92
C ILE A 54 7.57 0.46 -4.63
N ARG A 55 8.63 0.23 -5.39
CA ARG A 55 9.24 1.33 -6.11
C ARG A 55 9.10 1.15 -7.62
N SER A 56 9.00 2.29 -8.30
CA SER A 56 8.65 2.29 -9.71
C SER A 56 9.81 1.84 -10.59
N SER A 57 11.05 2.03 -10.14
CA SER A 57 12.22 1.81 -10.99
C SER A 57 12.35 0.34 -11.35
N ASP A 58 12.20 -0.55 -10.38
CA ASP A 58 12.48 -1.95 -10.61
C ASP A 58 11.45 -2.86 -9.94
N GLY A 59 10.38 -2.30 -9.38
CA GLY A 59 9.37 -3.07 -8.72
C GLY A 59 9.78 -3.70 -7.40
N SER A 60 10.90 -3.28 -6.82
CA SER A 60 11.30 -3.84 -5.54
C SER A 60 10.30 -3.46 -4.45
N THR A 61 10.13 -4.37 -3.49
CA THR A 61 9.13 -4.23 -2.44
C THR A 61 9.77 -4.38 -1.07
N ASN A 62 9.01 -3.99 -0.05
CA ASN A 62 9.23 -4.43 1.32
C ASN A 62 7.88 -4.56 1.99
N TYR A 63 7.81 -5.41 3.03
CA TYR A 63 6.58 -5.62 3.81
C TYR A 63 6.92 -5.54 5.28
N ALA A 64 5.97 -5.05 6.07
CA ALA A 64 6.09 -5.06 7.52
C ALA A 64 6.07 -6.49 8.04
N ASP A 65 6.76 -6.71 9.16
CA ASP A 65 6.88 -8.04 9.75
C ASP A 65 5.52 -8.73 9.93
N SER A 66 4.50 -7.98 10.34
CA SER A 66 3.21 -8.57 10.69
C SER A 66 2.43 -9.05 9.47
N VAL A 67 2.83 -8.69 8.26
CA VAL A 67 2.08 -9.07 7.07
C VAL A 67 2.89 -9.90 6.08
N LYS A 68 4.18 -10.09 6.30
CA LYS A 68 5.02 -10.82 5.35
C LYS A 68 4.39 -12.15 4.99
N GLY A 69 4.33 -12.45 3.68
CA GLY A 69 3.80 -13.71 3.18
C GLY A 69 2.29 -13.74 3.03
N ARG A 70 1.55 -13.02 3.87
CA ARG A 70 0.10 -12.97 3.77
C ARG A 70 -0.36 -11.90 2.82
N PHE A 71 0.36 -10.78 2.77
CA PHE A 71 -0.02 -9.66 1.90
C PHE A 71 1.01 -9.57 0.78
N THR A 72 0.52 -9.39 -0.44
N THR A 72 0.54 -9.21 -0.42
CA THR A 72 1.39 -9.31 -1.59
CA THR A 72 1.40 -8.98 -1.57
C THR A 72 0.90 -8.16 -2.48
C THR A 72 1.00 -7.70 -2.27
N MET A 73 1.80 -7.63 -3.28
N MET A 73 1.97 -6.84 -2.56
CA MET A 73 1.46 -6.53 -4.15
CA MET A 73 1.75 -5.57 -3.24
C MET A 73 1.66 -6.93 -5.59
C MET A 73 2.28 -5.68 -4.67
N SER A 74 0.90 -6.28 -6.45
N SER A 74 1.51 -5.21 -5.65
CA SER A 74 1.14 -6.27 -7.89
CA SER A 74 1.86 -5.44 -7.07
C SER A 74 0.80 -4.85 -8.35
C SER A 74 1.33 -4.29 -7.92
N ARG A 75 1.58 -4.36 -9.27
CA ARG A 75 1.26 -3.19 -10.11
C ARG A 75 0.57 -3.57 -11.43
N ASP A 76 -0.34 -2.70 -11.86
CA ASP A 76 -0.80 -2.62 -13.24
C ASP A 76 -0.40 -1.24 -13.78
N ASN A 77 0.73 -1.18 -14.48
CA ASN A 77 1.24 0.11 -14.95
C ASN A 77 0.28 0.78 -15.92
N ALA A 78 -0.39 -0.01 -16.78
CA ALA A 78 -1.34 0.55 -17.73
C ALA A 78 -2.55 1.20 -17.06
N LYS A 79 -2.87 0.80 -15.83
CA LYS A 79 -3.96 1.40 -15.07
C LYS A 79 -3.45 2.35 -14.00
N ASN A 80 -2.14 2.59 -13.94
CA ASN A 80 -1.53 3.42 -12.88
C ASN A 80 -2.02 3.02 -11.49
N THR A 81 -2.02 1.72 -11.24
CA THR A 81 -2.65 1.18 -10.06
C THR A 81 -1.70 0.20 -9.37
N VAL A 82 -1.68 0.24 -8.03
CA VAL A 82 -1.02 -0.76 -7.22
CA VAL A 82 -1.03 -0.79 -7.24
C VAL A 82 -2.10 -1.52 -6.44
N TYR A 83 -1.93 -2.81 -6.31
CA TYR A 83 -2.85 -3.64 -5.56
C TYR A 83 -2.19 -4.15 -4.29
N LEU A 84 -3.01 -4.39 -3.27
CA LEU A 84 -2.59 -5.08 -2.07
C LEU A 84 -3.52 -6.28 -1.94
N GLN A 85 -2.98 -7.46 -2.19
CA GLN A 85 -3.73 -8.69 -2.03
C GLN A 85 -3.51 -9.22 -0.63
N MET A 86 -4.58 -9.35 0.14
CA MET A 86 -4.50 -9.75 1.53
C MET A 86 -5.13 -11.13 1.66
N ASN A 87 -4.36 -12.09 2.14
CA ASN A 87 -4.84 -13.44 2.39
C ASN A 87 -4.66 -13.76 3.86
N SER A 88 -5.36 -14.78 4.33
CA SER A 88 -5.24 -15.22 5.72
CA SER A 88 -5.27 -15.23 5.72
C SER A 88 -5.45 -14.05 6.67
N LEU A 89 -6.52 -13.29 6.42
CA LEU A 89 -6.78 -12.09 7.23
C LEU A 89 -7.08 -12.45 8.68
N LYS A 90 -6.68 -11.58 9.57
CA LYS A 90 -6.83 -11.74 11.01
CA LYS A 90 -6.89 -11.77 10.99
C LYS A 90 -7.64 -10.57 11.54
N PRO A 91 -8.34 -10.73 12.69
CA PRO A 91 -9.09 -9.58 13.24
C PRO A 91 -8.23 -8.33 13.37
N GLU A 92 -6.97 -8.50 13.79
CA GLU A 92 -6.06 -7.37 14.00
C GLU A 92 -5.54 -6.75 12.71
N ASP A 93 -5.95 -7.24 11.54
CA ASP A 93 -5.73 -6.54 10.28
C ASP A 93 -6.80 -5.48 10.02
N THR A 94 -7.81 -5.39 10.88
CA THR A 94 -8.85 -4.37 10.73
C THR A 94 -8.21 -3.00 10.85
N ALA A 95 -8.52 -2.10 9.92
CA ALA A 95 -7.94 -0.76 9.92
C ALA A 95 -8.52 0.02 8.75
N VAL A 96 -8.30 1.34 8.77
CA VAL A 96 -8.33 2.11 7.54
C VAL A 96 -7.00 1.94 6.85
N TYR A 97 -7.03 1.55 5.58
CA TYR A 97 -5.82 1.37 4.78
C TYR A 97 -5.66 2.57 3.85
N TYR A 98 -4.44 3.09 3.77
CA TYR A 98 -4.13 4.25 2.96
C TYR A 98 -2.99 3.92 2.02
N CYS A 99 -3.02 4.53 0.86
CA CYS A 99 -1.92 4.54 -0.09
CA CYS A 99 -1.80 4.52 0.05
C CYS A 99 -1.26 5.92 -0.05
N ALA A 100 0.05 5.96 -0.32
CA ALA A 100 0.78 7.22 -0.29
C ALA A 100 1.90 7.18 -1.31
N TYR A 101 2.32 8.36 -1.76
CA TYR A 101 3.35 8.51 -2.78
C TYR A 101 4.48 9.36 -2.25
N GLY A 102 5.72 8.99 -2.59
CA GLY A 102 6.84 9.85 -2.30
C GLY A 102 7.95 9.57 -3.27
N PRO A 103 8.68 10.60 -3.74
CA PRO A 103 9.80 10.36 -4.65
C PRO A 103 10.92 9.57 -4.01
N LEU A 104 11.60 8.76 -4.83
CA LEU A 104 12.94 8.29 -4.44
C LEU A 104 13.91 9.43 -4.66
N THR A 105 15.03 9.45 -3.94
CA THR A 105 16.03 10.48 -4.19
C THR A 105 17.39 9.82 -4.33
N LYS A 106 18.22 10.39 -5.19
CA LYS A 106 19.50 9.79 -5.54
C LYS A 106 20.61 10.41 -4.70
N TYR A 107 21.53 9.56 -4.25
CA TYR A 107 22.76 10.00 -3.61
C TYR A 107 23.85 9.00 -3.99
N GLY A 108 24.98 9.50 -4.48
CA GLY A 108 25.98 8.60 -5.03
C GLY A 108 25.38 7.82 -6.18
N SER A 109 25.53 6.51 -6.16
CA SER A 109 25.07 5.64 -7.23
CA SER A 109 25.06 5.68 -7.25
C SER A 109 23.75 4.96 -6.93
N SER A 110 23.02 5.39 -5.90
CA SER A 110 21.85 4.66 -5.42
CA SER A 110 21.82 4.66 -5.56
C SER A 110 20.65 5.60 -5.24
N TRP A 111 19.46 5.06 -5.45
CA TRP A 111 18.20 5.73 -5.16
C TRP A 111 17.64 5.25 -3.83
N TYR A 112 17.35 6.19 -2.95
CA TYR A 112 16.95 5.91 -1.58
C TYR A 112 15.44 6.04 -1.42
N TRP A 113 14.88 5.12 -0.65
CA TRP A 113 13.46 5.22 -0.29
C TRP A 113 13.22 6.43 0.63
N PRO A 114 12.06 7.07 0.52
CA PRO A 114 11.75 8.20 1.43
C PRO A 114 11.28 7.69 2.79
N TYR A 115 11.55 8.50 3.82
CA TYR A 115 10.90 8.28 5.11
C TYR A 115 9.49 8.86 5.13
N GLU A 116 9.29 9.98 4.49
CA GLU A 116 8.03 10.70 4.53
C GLU A 116 7.41 10.66 3.15
N TYR A 117 6.10 10.52 3.09
CA TYR A 117 5.35 10.47 1.84
C TYR A 117 4.61 11.79 1.66
N ASP A 118 4.55 12.27 0.43
CA ASP A 118 4.10 13.62 0.12
C ASP A 118 2.60 13.72 -0.11
N TYR A 119 1.98 12.68 -0.65
CA TYR A 119 0.56 12.68 -0.98
C TYR A 119 -0.05 11.38 -0.50
N TRP A 120 -1.29 11.48 -0.02
CA TRP A 120 -1.99 10.39 0.62
C TRP A 120 -3.39 10.29 0.05
N GLY A 121 -3.91 9.07 -0.06
CA GLY A 121 -5.32 8.90 -0.31
C GLY A 121 -6.16 9.13 0.93
N GLN A 122 -7.47 9.08 0.74
CA GLN A 122 -8.40 9.28 1.84
C GLN A 122 -8.62 8.02 2.66
N GLY A 123 -8.24 6.86 2.14
CA GLY A 123 -8.31 5.61 2.88
C GLY A 123 -9.52 4.77 2.48
N THR A 124 -9.43 3.49 2.79
CA THR A 124 -10.54 2.55 2.60
C THR A 124 -10.60 1.66 3.85
N GLN A 125 -11.80 1.43 4.36
CA GLN A 125 -11.98 0.66 5.59
C GLN A 125 -11.96 -0.84 5.30
N VAL A 126 -11.15 -1.58 6.06
CA VAL A 126 -11.10 -3.04 6.02
C VAL A 126 -11.49 -3.53 7.40
N THR A 127 -12.57 -4.29 7.48
CA THR A 127 -13.00 -4.84 8.76
C THR A 127 -12.93 -6.34 8.68
N VAL A 128 -12.13 -6.96 9.56
CA VAL A 128 -12.02 -8.41 9.64
C VAL A 128 -12.68 -8.79 10.95
N SER A 129 -13.88 -9.36 10.85
CA SER A 129 -14.61 -9.67 12.06
C SER A 129 -15.63 -10.74 11.75
N SER A 130 -15.87 -11.60 12.73
CA SER A 130 -17.02 -12.49 12.70
C SER A 130 -18.31 -11.75 13.10
#